data_4FSW
#
_entry.id   4FSW
#
_cell.length_a   45.227
_cell.length_b   65.845
_cell.length_c   58.079
_cell.angle_alpha   90.000
_cell.angle_beta   94.640
_cell.angle_gamma   90.000
#
_symmetry.space_group_name_H-M   'P 1 21 1'
#
loop_
_entity.id
_entity.type
_entity.pdbx_description
1 polymer 'Serine/threonine-protein kinase Chk1'
2 non-polymer 8-chloro-5,10-dihydro-11H-dibenzo[b,e][1,4]diazepin-11-one
3 non-polymer 'SULFATE ION'
4 non-polymer 'ISOPROPYL ALCOHOL'
5 water water
#
_entity_poly.entity_id   1
_entity_poly.type   'polypeptide(L)'
_entity_poly.pdbx_seq_one_letter_code
;AVPFVEDWDLVQTLGEGAYGEVQLAVNRVTEEAVAVKIVDMKRAVDCPENIKKEICINKMLNHENVVKFYGHRREGNIQY
LFLEYCSGGELFDRIEPDIGMPEPDAQRFFHQLMAGVVYLHGIGITHRDIKPENLLLDERDNLKISDFGLATVFRYNNRE
RLLNKM(CSO)GTLPYVAPELLKRREFHAEPVDVWSCGIVLTAMLAGELPWDQPSDSCQEYSDWKEKKTYLNPWKKIDSA
PLALLHKILVENPSARITIPDIKKDRWYNKPLKKGAKRPRVTS
;
_entity_poly.pdbx_strand_id   A
#
loop_
_chem_comp.id
_chem_comp.type
_chem_comp.name
_chem_comp.formula
HK6 non-polymer 8-chloro-5,10-dihydro-11H-dibenzo[b,e][1,4]diazepin-11-one 'C13 H9 Cl N2 O'
IPA non-polymer 'ISOPROPYL ALCOHOL' 'C3 H8 O'
SO4 non-polymer 'SULFATE ION' 'O4 S -2'
#
# COMPACT_ATOMS: atom_id res chain seq x y z
N VAL A 2 16.65 -33.89 -4.10
CA VAL A 2 17.40 -33.14 -5.12
C VAL A 2 18.50 -32.31 -4.42
N PRO A 3 19.81 -32.59 -4.66
CA PRO A 3 20.85 -31.79 -4.01
C PRO A 3 20.91 -30.34 -4.52
N PHE A 4 21.48 -29.43 -3.70
CA PHE A 4 21.72 -28.01 -3.96
C PHE A 4 20.45 -27.16 -4.11
N VAL A 5 19.24 -27.77 -3.99
CA VAL A 5 17.95 -27.08 -4.14
C VAL A 5 17.70 -26.04 -3.01
N GLU A 6 18.41 -26.18 -1.86
CA GLU A 6 18.29 -25.22 -0.74
C GLU A 6 19.29 -24.05 -0.88
N ASP A 7 20.15 -24.07 -1.93
CA ASP A 7 21.15 -23.02 -2.17
C ASP A 7 20.62 -21.91 -3.05
N TRP A 8 20.76 -20.67 -2.56
CA TRP A 8 20.36 -19.44 -3.22
C TRP A 8 21.56 -18.51 -3.33
N ASP A 9 21.72 -17.83 -4.47
CA ASP A 9 22.79 -16.87 -4.67
C ASP A 9 22.21 -15.46 -4.52
N LEU A 10 22.91 -14.58 -3.81
CA LEU A 10 22.48 -13.18 -3.65
C LEU A 10 23.09 -12.42 -4.81
N VAL A 11 22.25 -11.91 -5.72
CA VAL A 11 22.74 -11.33 -6.98
C VAL A 11 22.54 -9.81 -7.12
N GLN A 12 21.65 -9.18 -6.32
CA GLN A 12 21.37 -7.73 -6.43
C GLN A 12 20.72 -7.18 -5.16
N THR A 13 21.00 -5.90 -4.83
CA THR A 13 20.42 -5.22 -3.66
C THR A 13 19.10 -4.56 -4.12
N LEU A 14 18.02 -4.79 -3.35
CA LEU A 14 16.68 -4.29 -3.69
C LEU A 14 16.23 -3.11 -2.82
N GLY A 15 16.61 -3.11 -1.54
CA GLY A 15 16.22 -2.06 -0.60
C GLY A 15 17.10 -1.95 0.62
N GLU A 16 16.96 -0.84 1.37
CA GLU A 16 17.72 -0.54 2.59
C GLU A 16 16.78 -0.24 3.77
N GLY A 17 17.30 -0.33 5.00
CA GLY A 17 16.55 -0.08 6.23
C GLY A 17 17.29 -0.46 7.48
N GLY A 20 18.42 -3.44 8.41
CA GLY A 20 19.34 -4.06 7.46
C GLY A 20 19.06 -3.72 6.00
N GLU A 21 19.09 -4.76 5.13
CA GLU A 21 18.89 -4.61 3.69
C GLU A 21 18.14 -5.81 3.06
N VAL A 22 17.62 -5.61 1.85
CA VAL A 22 16.88 -6.62 1.08
C VAL A 22 17.67 -6.95 -0.20
N GLN A 23 17.87 -8.25 -0.47
CA GLN A 23 18.57 -8.68 -1.66
C GLN A 23 17.75 -9.65 -2.49
N LEU A 24 17.96 -9.61 -3.82
CA LEU A 24 17.35 -10.56 -4.75
C LEU A 24 18.17 -11.85 -4.64
N ALA A 25 17.49 -12.98 -4.41
CA ALA A 25 18.11 -14.29 -4.33
C ALA A 25 17.60 -15.18 -5.45
N VAL A 26 18.51 -15.91 -6.10
CA VAL A 26 18.20 -16.80 -7.22
C VAL A 26 18.61 -18.23 -6.83
N ASN A 27 17.68 -19.20 -6.97
CA ASN A 27 17.95 -20.60 -6.65
C ASN A 27 18.99 -21.19 -7.61
N ARG A 28 20.00 -21.86 -7.04
CA ARG A 28 21.11 -22.49 -7.73
C ARG A 28 20.61 -23.52 -8.76
N VAL A 29 19.58 -24.31 -8.40
CA VAL A 29 19.05 -25.37 -9.25
C VAL A 29 17.94 -24.86 -10.17
N THR A 30 16.85 -24.31 -9.60
CA THR A 30 15.64 -23.93 -10.33
C THR A 30 15.67 -22.54 -10.96
N GLU A 31 16.58 -21.65 -10.50
CA GLU A 31 16.72 -20.25 -10.91
C GLU A 31 15.50 -19.39 -10.46
N GLU A 32 14.69 -19.92 -9.50
CA GLU A 32 13.55 -19.21 -8.93
C GLU A 32 14.05 -17.95 -8.18
N ALA A 33 13.39 -16.81 -8.42
CA ALA A 33 13.77 -15.55 -7.79
C ALA A 33 12.91 -15.27 -6.55
N VAL A 34 13.57 -14.97 -5.43
CA VAL A 34 12.91 -14.58 -4.16
C VAL A 34 13.65 -13.37 -3.59
N ALA A 35 12.96 -12.58 -2.75
CA ALA A 35 13.54 -11.44 -2.06
C ALA A 35 13.93 -11.88 -0.64
N VAL A 36 15.16 -11.60 -0.21
CA VAL A 36 15.59 -12.02 1.13
C VAL A 36 15.84 -10.77 1.97
N LYS A 37 15.06 -10.63 3.04
CA LYS A 37 15.15 -9.52 3.98
C LYS A 37 16.09 -9.91 5.12
N ILE A 38 17.22 -9.19 5.21
CA ILE A 38 18.29 -9.38 6.20
C ILE A 38 18.10 -8.32 7.28
N VAL A 39 17.78 -8.77 8.51
CA VAL A 39 17.49 -7.90 9.67
C VAL A 39 18.52 -8.21 10.78
N ASN A 50 9.31 -3.95 13.85
CA ASN A 50 9.12 -5.03 14.82
C ASN A 50 9.33 -6.38 14.14
N ILE A 51 10.51 -7.01 14.33
CA ILE A 51 10.91 -8.24 13.63
C ILE A 51 10.15 -9.53 14.06
N LYS A 52 10.01 -9.80 15.38
CA LYS A 52 9.31 -11.03 15.81
C LYS A 52 7.82 -10.96 15.42
N LYS A 53 7.26 -9.73 15.45
CA LYS A 53 5.88 -9.40 15.09
C LYS A 53 5.70 -9.46 13.55
N GLU A 54 6.72 -9.00 12.76
CA GLU A 54 6.71 -9.02 11.30
C GLU A 54 6.58 -10.44 10.76
N ILE A 55 7.35 -11.39 11.33
CA ILE A 55 7.33 -12.81 10.95
C ILE A 55 5.97 -13.39 11.34
N CYS A 56 5.50 -13.09 12.56
CA CYS A 56 4.22 -13.54 13.12
C CYS A 56 3.06 -13.08 12.22
N ILE A 57 3.00 -11.80 11.87
CA ILE A 57 1.96 -11.26 10.99
C ILE A 57 2.09 -11.88 9.58
N ASN A 58 3.32 -11.95 9.03
CA ASN A 58 3.59 -12.53 7.70
C ASN A 58 3.11 -14.00 7.56
N LYS A 59 3.18 -14.78 8.65
CA LYS A 59 2.75 -16.19 8.72
C LYS A 59 1.22 -16.35 8.57
N MET A 60 0.47 -15.31 8.90
CA MET A 60 -1.00 -15.28 8.78
C MET A 60 -1.47 -14.91 7.36
N LEU A 61 -0.58 -14.33 6.53
CA LEU A 61 -0.92 -13.76 5.23
C LEU A 61 -0.84 -14.70 4.04
N ASN A 62 -1.90 -14.67 3.23
CA ASN A 62 -2.04 -15.41 1.98
C ASN A 62 -3.12 -14.75 1.12
N HIS A 63 -2.68 -13.88 0.20
CA HIS A 63 -3.54 -13.14 -0.72
C HIS A 63 -2.74 -12.70 -1.94
N GLU A 64 -3.35 -12.66 -3.12
CA GLU A 64 -2.69 -12.33 -4.39
C GLU A 64 -2.23 -10.85 -4.48
N ASN A 65 -2.71 -9.95 -3.57
CA ASN A 65 -2.30 -8.55 -3.53
C ASN A 65 -1.49 -8.23 -2.26
N VAL A 66 -0.92 -9.27 -1.64
CA VAL A 66 -0.06 -9.18 -0.46
C VAL A 66 1.21 -9.98 -0.78
N VAL A 67 2.39 -9.38 -0.58
CA VAL A 67 3.69 -10.03 -0.80
C VAL A 67 3.70 -11.33 0.01
N LYS A 68 3.94 -12.46 -0.67
CA LYS A 68 3.93 -13.79 -0.07
C LYS A 68 5.14 -14.03 0.82
N PHE A 69 4.91 -14.69 1.95
CA PHE A 69 5.95 -15.07 2.91
C PHE A 69 6.22 -16.57 2.72
N TYR A 70 7.48 -16.92 2.40
CA TYR A 70 7.87 -18.31 2.17
C TYR A 70 8.42 -18.96 3.44
N GLY A 71 9.01 -18.16 4.31
CA GLY A 71 9.56 -18.62 5.58
C GLY A 71 10.70 -17.75 6.07
N HIS A 72 11.27 -18.14 7.22
CA HIS A 72 12.38 -17.43 7.84
C HIS A 72 13.42 -18.39 8.43
N ARG A 73 14.66 -17.90 8.60
CA ARG A 73 15.77 -18.63 9.20
C ARG A 73 16.59 -17.68 10.06
N ARG A 74 17.13 -18.18 11.18
CA ARG A 74 17.94 -17.38 12.10
C ARG A 74 19.38 -17.90 12.16
N GLU A 75 20.34 -17.09 11.69
CA GLU A 75 21.77 -17.41 11.73
C GLU A 75 22.42 -16.49 12.76
N GLY A 76 22.33 -16.88 14.02
CA GLY A 76 22.86 -16.13 15.16
C GLY A 76 22.03 -14.91 15.47
N ASN A 77 22.60 -13.72 15.22
CA ASN A 77 21.95 -12.42 15.46
C ASN A 77 21.19 -11.93 14.21
N ILE A 78 21.47 -12.52 13.03
CA ILE A 78 20.85 -12.14 11.76
C ILE A 78 19.61 -13.01 11.47
N GLN A 79 18.49 -12.35 11.14
CA GLN A 79 17.23 -12.97 10.74
C GLN A 79 17.08 -12.82 9.22
N TYR A 80 16.68 -13.90 8.54
CA TYR A 80 16.49 -13.94 7.10
C TYR A 80 15.02 -14.18 6.78
N LEU A 81 14.37 -13.24 6.09
CA LEU A 81 12.95 -13.37 5.71
C LEU A 81 12.86 -13.62 4.21
N PHE A 82 12.25 -14.75 3.83
CA PHE A 82 12.12 -15.16 2.43
C PHE A 82 10.76 -14.72 1.90
N LEU A 83 10.78 -13.70 1.04
CA LEU A 83 9.58 -13.08 0.51
C LEU A 83 9.50 -13.11 -1.00
N GLU A 84 8.28 -12.95 -1.50
CA GLU A 84 7.94 -12.92 -2.92
C GLU A 84 8.69 -11.79 -3.62
N TYR A 85 9.39 -12.14 -4.70
CA TYR A 85 10.09 -11.13 -5.48
C TYR A 85 9.15 -10.54 -6.51
N CYS A 86 9.05 -9.23 -6.50
CA CYS A 86 8.18 -8.47 -7.39
C CYS A 86 9.10 -7.72 -8.37
N SER A 87 9.27 -8.29 -9.57
CA SER A 87 10.21 -7.81 -10.60
C SER A 87 9.87 -6.42 -11.19
N GLY A 88 8.61 -6.01 -11.12
CA GLY A 88 8.15 -4.71 -11.62
C GLY A 88 8.55 -3.53 -10.75
N GLY A 89 9.12 -3.83 -9.58
CA GLY A 89 9.57 -2.83 -8.63
C GLY A 89 8.44 -2.13 -7.90
N GLU A 90 8.68 -0.88 -7.53
CA GLU A 90 7.75 -0.06 -6.75
C GLU A 90 6.81 0.75 -7.62
N LEU A 91 5.55 0.91 -7.13
CA LEU A 91 4.51 1.74 -7.73
C LEU A 91 5.02 3.18 -7.80
N PHE A 92 5.81 3.59 -6.80
CA PHE A 92 6.43 4.91 -6.74
C PHE A 92 7.09 5.29 -8.07
N ASP A 93 7.83 4.35 -8.69
CA ASP A 93 8.54 4.58 -9.95
C ASP A 93 7.64 4.52 -11.18
N ARG A 94 6.32 4.28 -11.01
CA ARG A 94 5.38 4.30 -12.14
C ARG A 94 4.66 5.65 -12.17
N ILE A 95 4.86 6.46 -11.13
CA ILE A 95 4.30 7.80 -10.97
C ILE A 95 5.28 8.82 -11.57
N GLU A 96 4.86 9.53 -12.62
CA GLU A 96 5.68 10.58 -13.25
C GLU A 96 5.56 11.86 -12.41
N PRO A 97 6.67 12.47 -11.94
CA PRO A 97 6.55 13.68 -11.08
C PRO A 97 5.70 14.79 -11.71
N ASP A 98 4.74 15.29 -10.92
CA ASP A 98 3.77 16.35 -11.27
C ASP A 98 2.81 15.98 -12.41
N ILE A 99 2.83 14.72 -12.89
CA ILE A 99 1.91 14.26 -13.93
C ILE A 99 1.01 13.14 -13.36
N GLY A 100 1.66 12.11 -12.83
CA GLY A 100 1.01 10.91 -12.32
C GLY A 100 1.17 9.77 -13.30
N MET A 101 0.05 9.20 -13.74
CA MET A 101 -0.01 8.08 -14.70
C MET A 101 -1.39 8.08 -15.36
N PRO A 102 -1.62 7.34 -16.48
CA PRO A 102 -2.99 7.34 -17.07
C PRO A 102 -4.03 6.85 -16.05
N GLU A 103 -5.18 7.52 -16.04
CA GLU A 103 -6.29 7.25 -15.12
C GLU A 103 -6.70 5.75 -15.09
N PRO A 104 -6.76 5.00 -16.24
CA PRO A 104 -7.14 3.58 -16.18
C PRO A 104 -6.13 2.72 -15.42
N ASP A 105 -4.81 3.02 -15.54
CA ASP A 105 -3.76 2.31 -14.79
C ASP A 105 -3.94 2.52 -13.29
N ALA A 106 -4.16 3.79 -12.92
CA ALA A 106 -4.39 4.22 -11.55
C ALA A 106 -5.62 3.50 -10.96
N GLN A 107 -6.71 3.39 -11.76
CA GLN A 107 -7.94 2.71 -11.32
C GLN A 107 -7.69 1.22 -11.08
N ARG A 108 -6.96 0.55 -12.00
CA ARG A 108 -6.61 -0.87 -11.84
C ARG A 108 -5.73 -1.04 -10.58
N PHE A 109 -4.72 -0.16 -10.34
CA PHE A 109 -3.86 -0.25 -9.15
C PHE A 109 -4.66 -0.01 -7.87
N PHE A 110 -5.61 0.95 -7.92
CA PHE A 110 -6.49 1.26 -6.79
C PHE A 110 -7.43 0.06 -6.49
N HIS A 111 -7.99 -0.62 -7.54
CA HIS A 111 -8.81 -1.81 -7.31
C HIS A 111 -8.01 -2.89 -6.57
N GLN A 112 -6.75 -3.14 -7.01
CA GLN A 112 -5.90 -4.18 -6.43
C GLN A 112 -5.44 -3.79 -5.03
N LEU A 113 -5.28 -2.48 -4.76
CA LEU A 113 -4.94 -1.97 -3.43
C LEU A 113 -6.12 -2.24 -2.46
N MET A 114 -7.35 -1.96 -2.91
CA MET A 114 -8.57 -2.18 -2.14
C MET A 114 -8.75 -3.68 -1.83
N ALA A 115 -8.55 -4.58 -2.82
CA ALA A 115 -8.61 -6.03 -2.61
C ALA A 115 -7.62 -6.46 -1.48
N GLY A 116 -6.38 -5.96 -1.56
CA GLY A 116 -5.35 -6.25 -0.56
C GLY A 116 -5.70 -5.74 0.83
N VAL A 117 -6.17 -4.48 0.93
CA VAL A 117 -6.54 -3.81 2.19
C VAL A 117 -7.82 -4.49 2.79
N VAL A 118 -8.84 -4.85 1.97
CA VAL A 118 -10.04 -5.59 2.40
C VAL A 118 -9.61 -6.91 3.06
N TYR A 119 -8.65 -7.63 2.41
CA TYR A 119 -8.12 -8.89 2.89
C TYR A 119 -7.53 -8.71 4.28
N LEU A 120 -6.57 -7.77 4.43
CA LEU A 120 -5.86 -7.49 5.68
C LEU A 120 -6.81 -7.10 6.81
N HIS A 121 -7.78 -6.18 6.54
CA HIS A 121 -8.73 -5.73 7.55
C HIS A 121 -9.65 -6.88 7.97
N GLY A 122 -10.01 -7.74 7.02
CA GLY A 122 -10.83 -8.93 7.24
C GLY A 122 -10.23 -9.91 8.25
N ILE A 123 -8.90 -10.01 8.30
CA ILE A 123 -8.22 -10.88 9.25
C ILE A 123 -7.72 -10.05 10.48
N GLY A 124 -8.13 -8.79 10.56
CA GLY A 124 -7.84 -7.92 11.71
C GLY A 124 -6.45 -7.35 11.74
N ILE A 125 -5.83 -7.15 10.57
CA ILE A 125 -4.48 -6.61 10.44
C ILE A 125 -4.53 -5.24 9.76
N THR A 126 -3.80 -4.27 10.34
CA THR A 126 -3.62 -2.95 9.74
C THR A 126 -2.14 -2.80 9.37
N HIS A 127 -1.85 -2.39 8.14
CA HIS A 127 -0.50 -2.21 7.60
C HIS A 127 0.20 -1.02 8.28
N ARG A 128 -0.50 0.14 8.37
CA ARG A 128 -0.10 1.39 9.04
C ARG A 128 0.95 2.23 8.29
N ASP A 129 1.43 1.79 7.12
CA ASP A 129 2.41 2.58 6.37
C ASP A 129 2.20 2.38 4.85
N ILE A 130 0.94 2.49 4.40
CA ILE A 130 0.59 2.40 2.99
C ILE A 130 1.08 3.66 2.29
N LYS A 131 1.91 3.45 1.25
CA LYS A 131 2.52 4.48 0.41
C LYS A 131 3.05 3.79 -0.86
N PRO A 132 3.33 4.52 -1.98
CA PRO A 132 3.74 3.85 -3.22
C PRO A 132 5.06 3.06 -3.14
N GLU A 133 5.97 3.42 -2.20
CA GLU A 133 7.23 2.70 -1.95
C GLU A 133 6.94 1.29 -1.40
N ASN A 134 5.78 1.08 -0.76
CA ASN A 134 5.41 -0.19 -0.15
C ASN A 134 4.40 -0.96 -0.98
N LEU A 135 4.17 -0.51 -2.22
CA LEU A 135 3.25 -1.18 -3.15
C LEU A 135 4.12 -1.65 -4.31
N LEU A 136 4.39 -2.95 -4.32
CA LEU A 136 5.28 -3.58 -5.30
C LEU A 136 4.50 -4.22 -6.43
N LEU A 137 5.14 -4.31 -7.59
CA LEU A 137 4.51 -4.83 -8.79
C LEU A 137 5.23 -6.08 -9.27
N ASP A 138 4.46 -7.14 -9.59
CA ASP A 138 5.08 -8.36 -10.11
C ASP A 138 5.30 -8.19 -11.64
N GLU A 139 5.71 -9.26 -12.35
CA GLU A 139 5.99 -9.26 -13.79
C GLU A 139 4.77 -8.89 -14.66
N ARG A 140 3.54 -9.12 -14.14
CA ARG A 140 2.30 -8.80 -14.86
C ARG A 140 1.71 -7.47 -14.37
N ASP A 141 2.50 -6.70 -13.60
CA ASP A 141 2.10 -5.41 -13.02
C ASP A 141 0.96 -5.57 -11.99
N ASN A 142 0.92 -6.72 -11.29
CA ASN A 142 -0.04 -6.93 -10.22
C ASN A 142 0.52 -6.33 -8.97
N LEU A 143 -0.28 -5.48 -8.32
CA LEU A 143 0.08 -4.78 -7.08
C LEU A 143 0.09 -5.77 -5.91
N LYS A 144 1.12 -5.64 -5.05
CA LYS A 144 1.34 -6.41 -3.84
C LYS A 144 1.72 -5.48 -2.71
N ILE A 145 0.98 -5.57 -1.59
CA ILE A 145 1.25 -4.77 -0.39
C ILE A 145 2.50 -5.37 0.28
N SER A 146 3.48 -4.51 0.56
CA SER A 146 4.78 -4.88 1.09
C SER A 146 5.12 -4.27 2.45
N ASP A 147 5.97 -5.01 3.23
CA ASP A 147 6.58 -4.64 4.50
C ASP A 147 5.57 -4.51 5.64
N PHE A 148 5.56 -5.53 6.51
CA PHE A 148 4.66 -5.61 7.65
C PHE A 148 5.37 -5.34 8.96
N GLY A 149 6.46 -4.57 8.86
CA GLY A 149 7.30 -4.16 9.98
C GLY A 149 6.62 -3.18 10.93
N LEU A 150 5.64 -2.41 10.44
CA LEU A 150 4.87 -1.44 11.23
C LEU A 150 3.44 -1.92 11.46
N ALA A 151 3.08 -3.08 10.87
CA ALA A 151 1.73 -3.63 10.95
C ALA A 151 1.37 -4.15 12.34
N THR A 152 0.06 -4.16 12.67
CA THR A 152 -0.41 -4.67 13.95
C THR A 152 -1.82 -5.25 13.85
N VAL A 153 -2.19 -6.03 14.88
CA VAL A 153 -3.50 -6.66 15.02
CA VAL A 153 -3.50 -6.64 15.01
C VAL A 153 -4.42 -5.64 15.70
N PHE A 154 -5.55 -5.30 15.06
CA PHE A 154 -6.49 -4.34 15.62
C PHE A 154 -7.81 -5.03 16.00
N ARG A 155 -7.97 -6.32 15.61
CA ARG A 155 -9.16 -7.08 15.94
C ARG A 155 -8.75 -8.49 16.29
N TYR A 156 -9.12 -8.93 17.48
CA TYR A 156 -8.79 -10.24 18.01
C TYR A 156 -9.98 -10.74 18.79
N ASN A 157 -10.38 -12.02 18.53
CA ASN A 157 -11.54 -12.67 19.14
C ASN A 157 -12.77 -11.80 18.92
N ASN A 158 -12.84 -11.21 17.70
CA ASN A 158 -13.89 -10.32 17.19
CA ASN A 158 -13.89 -10.33 17.19
C ASN A 158 -14.07 -9.05 18.07
N ARG A 159 -13.02 -8.68 18.84
CA ARG A 159 -13.03 -7.47 19.66
C ARG A 159 -12.05 -6.48 19.08
N GLU A 160 -12.53 -5.26 18.77
CA GLU A 160 -11.66 -4.23 18.22
C GLU A 160 -10.82 -3.56 19.31
N ARG A 161 -9.55 -3.37 19.02
CA ARG A 161 -8.60 -2.65 19.85
C ARG A 161 -8.32 -1.31 19.17
N LEU A 162 -8.53 -0.21 19.89
CA LEU A 162 -8.24 1.13 19.40
C LEU A 162 -6.74 1.33 19.45
N LEU A 163 -6.20 2.04 18.48
CA LEU A 163 -4.76 2.26 18.45
C LEU A 163 -4.43 3.63 19.03
N ASN A 164 -3.16 3.81 19.45
CA ASN A 164 -2.66 5.07 20.02
C ASN A 164 -1.20 5.36 19.60
N LYS A 165 -0.52 4.37 19.01
CA LYS A 165 0.87 4.49 18.60
C LYS A 165 0.99 5.27 17.27
N MET A 166 2.00 6.20 17.21
CA MET A 166 2.34 7.02 16.04
C MET A 166 3.12 6.17 15.05
N CSO A 167 2.47 5.75 13.96
CA CSO A 167 3.14 4.93 12.96
CB CSO A 167 2.92 3.41 12.91
SG CSO A 167 3.28 2.63 14.50
C CSO A 167 2.80 5.51 11.57
O CSO A 167 1.72 6.10 11.40
OD CSO A 167 4.77 1.99 14.40
N GLY A 168 3.70 5.30 10.63
CA GLY A 168 3.50 5.77 9.28
C GLY A 168 4.51 6.76 8.75
N THR A 169 4.11 7.53 7.71
CA THR A 169 4.90 8.53 6.98
C THR A 169 3.99 9.72 6.88
N LEU A 170 4.43 10.87 7.43
CA LEU A 170 3.63 12.11 7.60
C LEU A 170 2.75 12.52 6.37
N PRO A 171 3.21 12.58 5.11
CA PRO A 171 2.28 12.97 4.02
C PRO A 171 1.09 12.01 3.84
N TYR A 172 1.22 10.75 4.31
CA TYR A 172 0.21 9.71 4.17
C TYR A 172 -0.65 9.46 5.43
N VAL A 173 -0.28 10.04 6.59
CA VAL A 173 -1.01 9.75 7.85
C VAL A 173 -2.34 10.49 7.91
N ALA A 174 -3.33 9.87 8.55
CA ALA A 174 -4.65 10.47 8.73
C ALA A 174 -4.55 11.58 9.79
N PRO A 175 -5.40 12.64 9.74
CA PRO A 175 -5.26 13.73 10.72
C PRO A 175 -5.57 13.33 12.17
N GLU A 176 -6.36 12.26 12.42
CA GLU A 176 -6.69 11.84 13.79
C GLU A 176 -5.46 11.34 14.54
N LEU A 177 -4.43 10.81 13.82
CA LEU A 177 -3.19 10.31 14.40
CA LEU A 177 -3.16 10.33 14.41
C LEU A 177 -2.41 11.46 15.06
N LEU A 178 -2.50 12.66 14.48
CA LEU A 178 -1.83 13.83 15.06
C LEU A 178 -2.76 14.60 16.04
N LYS A 179 -4.07 14.35 16.03
CA LYS A 179 -4.97 15.15 16.87
C LYS A 179 -5.57 14.42 18.06
N ARG A 180 -5.66 13.08 18.00
CA ARG A 180 -6.33 12.28 19.02
C ARG A 180 -5.41 11.26 19.66
N ARG A 181 -5.65 10.97 20.94
CA ARG A 181 -4.90 9.99 21.71
C ARG A 181 -5.18 8.59 21.19
N GLU A 182 -6.47 8.29 20.89
CA GLU A 182 -6.93 6.99 20.37
C GLU A 182 -7.71 7.16 19.09
N PHE A 183 -7.63 6.15 18.23
CA PHE A 183 -8.29 6.16 16.93
C PHE A 183 -8.48 4.74 16.42
N HIS A 184 -9.48 4.56 15.54
CA HIS A 184 -9.75 3.29 14.87
C HIS A 184 -8.72 3.08 13.77
N ALA A 185 -8.23 1.83 13.62
CA ALA A 185 -7.22 1.43 12.64
C ALA A 185 -7.66 1.59 11.18
N GLU A 186 -8.85 1.05 10.80
CA GLU A 186 -9.31 0.96 9.40
C GLU A 186 -9.40 2.31 8.70
N PRO A 187 -10.03 3.40 9.25
CA PRO A 187 -10.01 4.69 8.54
C PRO A 187 -8.62 5.24 8.29
N VAL A 188 -7.62 4.83 9.09
CA VAL A 188 -6.25 5.32 8.91
C VAL A 188 -5.68 4.74 7.60
N ASP A 189 -5.90 3.44 7.35
CA ASP A 189 -5.43 2.80 6.10
C ASP A 189 -6.22 3.33 4.90
N VAL A 190 -7.52 3.64 5.07
CA VAL A 190 -8.39 4.20 4.00
C VAL A 190 -7.79 5.55 3.53
N TRP A 191 -7.44 6.43 4.50
CA TRP A 191 -6.86 7.76 4.25
C TRP A 191 -5.56 7.64 3.42
N SER A 192 -4.61 6.78 3.83
CA SER A 192 -3.33 6.60 3.11
C SER A 192 -3.57 6.13 1.66
N CYS A 193 -4.57 5.25 1.44
CA CYS A 193 -4.97 4.81 0.09
C CYS A 193 -5.46 6.02 -0.74
N GLY A 194 -6.15 6.97 -0.09
CA GLY A 194 -6.59 8.22 -0.73
C GLY A 194 -5.41 9.07 -1.16
N ILE A 195 -4.36 9.14 -0.32
CA ILE A 195 -3.14 9.91 -0.65
C ILE A 195 -2.40 9.18 -1.79
N VAL A 196 -2.41 7.83 -1.76
CA VAL A 196 -1.81 7.04 -2.84
C VAL A 196 -2.56 7.34 -4.14
N LEU A 197 -3.92 7.36 -4.10
CA LEU A 197 -4.72 7.65 -5.29
C LEU A 197 -4.39 9.05 -5.83
N THR A 198 -4.25 10.04 -4.93
CA THR A 198 -3.91 11.42 -5.29
C THR A 198 -2.57 11.48 -6.04
N ALA A 199 -1.56 10.74 -5.53
CA ALA A 199 -0.20 10.68 -6.09
C ALA A 199 -0.24 10.06 -7.47
N MET A 200 -1.00 8.97 -7.66
CA MET A 200 -1.11 8.30 -8.96
C MET A 200 -1.76 9.20 -10.05
N LEU A 201 -2.73 10.06 -9.64
CA LEU A 201 -3.45 10.91 -10.58
C LEU A 201 -2.85 12.30 -10.79
N ALA A 202 -2.01 12.80 -9.87
CA ALA A 202 -1.46 14.14 -9.99
C ALA A 202 0.07 14.18 -9.93
N GLY A 203 0.71 13.07 -9.55
CA GLY A 203 2.17 13.01 -9.46
C GLY A 203 2.76 13.93 -8.41
N GLU A 204 1.97 14.23 -7.37
CA GLU A 204 2.43 15.04 -6.25
C GLU A 204 1.62 14.73 -5.02
N LEU A 205 2.19 15.02 -3.87
CA LEU A 205 1.56 14.81 -2.57
C LEU A 205 0.86 16.10 -2.18
N PRO A 206 -0.39 16.07 -1.66
CA PRO A 206 -1.09 17.34 -1.41
C PRO A 206 -0.53 18.18 -0.27
N TRP A 207 0.04 17.56 0.79
CA TRP A 207 0.60 18.32 1.93
C TRP A 207 1.72 17.50 2.62
N ASP A 208 2.56 18.16 3.42
CA ASP A 208 3.64 17.55 4.20
C ASP A 208 3.07 16.73 5.34
N GLN A 209 1.91 17.18 5.87
CA GLN A 209 1.17 16.54 6.98
C GLN A 209 -0.27 17.08 7.05
N PRO A 210 -1.27 16.29 7.52
CA PRO A 210 -2.66 16.81 7.53
C PRO A 210 -2.98 17.61 8.80
N SER A 211 -2.34 18.78 8.95
CA SER A 211 -2.58 19.67 10.08
C SER A 211 -3.03 21.04 9.60
N ASP A 212 -3.79 21.76 10.45
CA ASP A 212 -4.32 23.10 10.18
C ASP A 212 -3.22 24.15 9.92
N SER A 213 -1.99 23.90 10.42
CA SER A 213 -0.82 24.76 10.22
C SER A 213 -0.31 24.66 8.76
N CYS A 214 -0.68 23.58 8.07
CA CYS A 214 -0.32 23.31 6.68
C CYS A 214 -1.38 23.97 5.76
N GLN A 215 -0.98 25.06 5.06
CA GLN A 215 -1.81 25.86 4.16
C GLN A 215 -2.55 25.00 3.13
N GLU A 216 -1.82 24.05 2.49
CA GLU A 216 -2.35 23.12 1.49
C GLU A 216 -3.51 22.29 2.08
N TYR A 217 -3.36 21.84 3.35
CA TYR A 217 -4.37 21.06 4.02
C TYR A 217 -5.60 21.94 4.33
N SER A 218 -5.37 23.19 4.74
CA SER A 218 -6.44 24.18 5.02
C SER A 218 -7.24 24.48 3.76
N ASP A 219 -6.55 24.62 2.61
CA ASP A 219 -7.14 24.88 1.29
C ASP A 219 -8.09 23.76 0.87
N TRP A 220 -7.69 22.50 1.11
CA TRP A 220 -8.49 21.32 0.78
C TRP A 220 -9.79 21.29 1.60
N LYS A 221 -9.70 21.59 2.92
CA LYS A 221 -10.88 21.62 3.78
C LYS A 221 -11.81 22.77 3.36
N GLU A 222 -11.24 23.84 2.77
CA GLU A 222 -11.96 25.00 2.24
C GLU A 222 -12.48 24.72 0.83
N LYS A 223 -12.18 23.52 0.26
CA LYS A 223 -12.62 23.01 -1.05
C LYS A 223 -12.05 23.83 -2.24
N LYS A 224 -10.81 24.34 -2.11
CA LYS A 224 -10.15 25.09 -3.18
C LYS A 224 -9.50 24.10 -4.16
N THR A 225 -10.35 23.38 -4.92
CA THR A 225 -9.92 22.32 -5.84
C THR A 225 -9.40 22.88 -7.17
N TYR A 226 -9.45 24.23 -7.35
CA TYR A 226 -8.93 24.93 -8.53
C TYR A 226 -7.41 25.08 -8.42
N LEU A 227 -6.83 24.63 -7.29
CA LEU A 227 -5.40 24.63 -7.00
C LEU A 227 -4.86 23.21 -7.20
N ASN A 228 -3.53 23.07 -7.30
CA ASN A 228 -2.87 21.78 -7.42
C ASN A 228 -2.84 21.09 -6.06
N PRO A 229 -2.88 19.75 -5.99
CA PRO A 229 -2.89 18.76 -7.09
C PRO A 229 -4.26 18.50 -7.73
N TRP A 230 -5.33 18.99 -7.09
CA TRP A 230 -6.72 18.71 -7.42
C TRP A 230 -7.14 19.16 -8.83
N LYS A 231 -6.55 20.26 -9.39
CA LYS A 231 -6.96 20.73 -10.74
C LYS A 231 -6.52 19.77 -11.87
N LYS A 232 -5.54 18.89 -11.60
CA LYS A 232 -5.05 17.88 -12.55
C LYS A 232 -5.91 16.62 -12.55
N ILE A 233 -6.86 16.50 -11.59
CA ILE A 233 -7.67 15.28 -11.38
C ILE A 233 -9.09 15.48 -11.90
N ASP A 234 -9.59 14.51 -12.68
CA ASP A 234 -10.95 14.55 -13.23
C ASP A 234 -11.95 14.53 -12.09
N SER A 235 -13.11 15.16 -12.31
CA SER A 235 -14.21 15.33 -11.36
C SER A 235 -14.70 13.98 -10.75
N ALA A 236 -14.74 12.88 -11.53
CA ALA A 236 -15.18 11.56 -11.04
C ALA A 236 -14.19 10.98 -9.98
N PRO A 237 -12.86 10.81 -10.22
CA PRO A 237 -12.01 10.32 -9.11
C PRO A 237 -11.85 11.37 -7.99
N LEU A 238 -11.98 12.68 -8.33
CA LEU A 238 -11.90 13.77 -7.35
C LEU A 238 -13.08 13.68 -6.34
N ALA A 239 -14.30 13.28 -6.82
CA ALA A 239 -15.51 13.09 -5.98
C ALA A 239 -15.27 11.98 -4.96
N LEU A 240 -14.49 10.94 -5.35
CA LEU A 240 -14.08 9.85 -4.48
C LEU A 240 -13.08 10.37 -3.45
N LEU A 241 -12.09 11.15 -3.89
CA LEU A 241 -11.09 11.73 -2.98
C LEU A 241 -11.77 12.65 -1.94
N HIS A 242 -12.85 13.36 -2.35
CA HIS A 242 -13.65 14.19 -1.46
C HIS A 242 -14.30 13.37 -0.33
N LYS A 243 -14.57 12.07 -0.59
CA LYS A 243 -15.18 11.16 0.40
C LYS A 243 -14.14 10.44 1.27
N ILE A 244 -12.90 10.29 0.78
CA ILE A 244 -11.81 9.61 1.49
C ILE A 244 -11.08 10.58 2.41
N LEU A 245 -10.71 11.75 1.87
CA LEU A 245 -9.90 12.71 2.60
C LEU A 245 -10.78 13.65 3.42
N VAL A 246 -11.58 13.04 4.30
CA VAL A 246 -12.51 13.65 5.24
C VAL A 246 -11.81 13.58 6.61
N GLU A 247 -11.59 14.75 7.23
CA GLU A 247 -10.89 14.90 8.52
C GLU A 247 -11.50 14.02 9.62
N ASN A 248 -12.84 14.00 9.74
CA ASN A 248 -13.51 13.21 10.78
C ASN A 248 -13.46 11.74 10.36
N PRO A 249 -12.71 10.88 11.07
CA PRO A 249 -12.62 9.46 10.67
C PRO A 249 -13.96 8.70 10.72
N SER A 250 -14.93 9.18 11.53
CA SER A 250 -16.28 8.58 11.65
C SER A 250 -17.16 8.94 10.45
N ALA A 251 -16.84 10.06 9.75
CA ALA A 251 -17.63 10.46 8.58
C ALA A 251 -16.93 10.01 7.28
N ARG A 252 -15.67 9.61 7.38
CA ARG A 252 -14.88 9.14 6.23
C ARG A 252 -15.50 7.88 5.61
N ILE A 253 -15.50 7.79 4.27
CA ILE A 253 -16.03 6.66 3.53
C ILE A 253 -15.32 5.36 3.96
N THR A 254 -16.08 4.26 4.02
CA THR A 254 -15.52 2.95 4.37
C THR A 254 -15.17 2.24 3.06
N ILE A 255 -14.39 1.17 3.12
CA ILE A 255 -14.06 0.42 1.91
C ILE A 255 -15.34 -0.15 1.25
N PRO A 256 -16.31 -0.80 1.95
CA PRO A 256 -17.52 -1.28 1.24
C PRO A 256 -18.20 -0.21 0.42
N ASP A 257 -18.14 1.06 0.87
CA ASP A 257 -18.76 2.17 0.15
C ASP A 257 -17.85 2.70 -0.97
N ILE A 258 -16.50 2.60 -0.82
CA ILE A 258 -15.54 2.94 -1.88
C ILE A 258 -15.85 2.05 -3.11
N LYS A 259 -16.14 0.76 -2.86
CA LYS A 259 -16.49 -0.22 -3.89
C LYS A 259 -17.84 0.09 -4.59
N LYS A 260 -18.65 1.01 -4.03
CA LYS A 260 -19.92 1.45 -4.64
C LYS A 260 -19.78 2.80 -5.37
N ASP A 261 -18.62 3.48 -5.21
CA ASP A 261 -18.34 4.79 -5.81
C ASP A 261 -18.43 4.73 -7.34
N ARG A 262 -18.92 5.79 -7.95
CA ARG A 262 -19.11 5.88 -9.40
C ARG A 262 -17.79 5.72 -10.19
N TRP A 263 -16.70 6.45 -9.84
CA TRP A 263 -15.44 6.33 -10.56
C TRP A 263 -14.80 4.92 -10.37
N TYR A 264 -14.88 4.38 -9.13
CA TYR A 264 -14.37 3.04 -8.80
C TYR A 264 -14.98 1.99 -9.77
N ASN A 265 -16.25 2.16 -10.13
CA ASN A 265 -17.00 1.25 -11.01
C ASN A 265 -17.12 1.73 -12.47
N LYS A 266 -16.36 2.77 -12.84
CA LYS A 266 -16.36 3.34 -14.18
C LYS A 266 -15.49 2.52 -15.14
N PRO A 267 -16.07 2.03 -16.26
CA PRO A 267 -15.25 1.30 -17.25
C PRO A 267 -14.27 2.26 -17.91
N LEU A 268 -12.98 1.95 -17.82
CA LEU A 268 -11.91 2.78 -18.34
C LEU A 268 -10.87 1.98 -19.05
N LYS A 269 -10.55 0.78 -18.50
CA LYS A 269 -9.41 0.00 -18.94
C LYS A 269 -9.73 -1.34 -19.61
N LYS A 270 -9.06 -1.54 -20.73
CA LYS A 270 -9.02 -2.76 -21.51
C LYS A 270 -8.13 -3.78 -20.80
N GLY A 271 -8.35 -5.06 -21.06
CA GLY A 271 -7.55 -6.13 -20.46
C GLY A 271 -6.10 -6.08 -20.94
N ALA A 272 -5.24 -6.97 -20.38
CA ALA A 272 -3.83 -7.07 -20.78
C ALA A 272 -3.76 -7.38 -22.29
N LYS A 273 -2.90 -6.65 -23.05
CA LYS A 273 -2.70 -6.85 -24.49
C LYS A 273 -2.51 -8.34 -24.71
N ARG A 274 -3.44 -8.96 -25.46
CA ARG A 274 -3.40 -10.38 -25.79
C ARG A 274 -2.98 -10.54 -27.27
N PRO A 275 -2.09 -11.53 -27.62
CA PRO A 275 -1.69 -11.72 -29.03
C PRO A 275 -2.85 -12.06 -29.97
N ARG A 276 -2.88 -11.40 -31.13
CA ARG A 276 -3.92 -11.56 -32.15
C ARG A 276 -3.40 -11.31 -33.57
N VAL A 277 -3.99 -12.01 -34.55
CA VAL A 277 -3.67 -11.90 -35.99
C VAL A 277 -4.96 -11.60 -36.78
N THR A 278 -4.82 -11.08 -38.01
CA THR A 278 -5.95 -10.75 -38.89
C THR A 278 -5.97 -11.63 -40.16
N SER A 279 -7.16 -11.70 -40.81
CA SER A 279 -7.50 -12.47 -42.02
C SER A 279 -7.44 -13.97 -41.76
O HK6 B . 10.40 -7.54 -4.30
C11 HK6 B . 10.96 -6.45 -4.47
C10 HK6 B . 11.43 -5.68 -3.28
C9 HK6 B . 11.60 -6.41 -2.10
C8 HK6 B . 11.80 -5.76 -0.90
C7 HK6 B . 11.91 -4.38 -0.85
C6 HK6 B . 11.80 -3.64 -2.01
C5 HK6 B . 11.55 -4.27 -3.23
N1 HK6 B . 11.35 -3.42 -4.34
N2 HK6 B . 11.16 -5.99 -5.72
C12 HK6 B . 11.86 -4.88 -6.24
C13 HK6 B . 12.40 -5.03 -7.52
C1 HK6 B . 13.10 -3.99 -8.08
CL HK6 B . 13.65 -4.14 -9.72
C4 HK6 B . 12.02 -3.66 -5.56
C3 HK6 B . 12.77 -2.64 -6.14
C2 HK6 B . 13.32 -2.80 -7.40
H7 HK6 B . 11.58 -7.50 -2.12
H6 HK6 B . 11.86 -6.34 0.03
H5 HK6 B . 12.07 -3.88 0.10
H4 HK6 B . 11.92 -2.56 -1.95
H3 HK6 B . 11.07 -2.46 -4.16
H8 HK6 B . 10.70 -6.52 -6.45
H9 HK6 B . 12.30 -5.95 -8.08
H2 HK6 B . 12.93 -1.70 -5.61
H1 HK6 B . 13.91 -2.01 -7.85
S SO4 C . 0.63 -1.62 18.72
O1 SO4 C . 1.85 -1.51 17.90
O2 SO4 C . 0.08 -2.94 18.54
O3 SO4 C . 0.96 -1.43 20.13
O4 SO4 C . -0.32 -0.60 18.30
C1 IPA D . -7.89 -14.50 15.07
C2 IPA D . -8.36 -14.37 16.50
C3 IPA D . -9.00 -15.68 16.94
O2 IPA D . -9.34 -13.36 16.47
#